data_5Y9L
#
_entry.id   5Y9L
#
_cell.length_a   58.895
_cell.length_b   90.926
_cell.length_c   92.030
_cell.angle_alpha   90.00
_cell.angle_beta   90.00
_cell.angle_gamma   90.00
#
_symmetry.space_group_name_H-M   'I 2 2 2'
#
loop_
_entity.id
_entity.type
_entity.pdbx_description
1 polymer Kallikrein-7
2 non-polymer '3-[2-[(3Z,6R)-6-[(5-chloranyl-2-methoxy-phenyl)methyl]-3-(dimethylhydrazinylidene)-7-oxidanylidene-1,4-diazepan-1-yl]ethanoylamino]benzoic acid'
3 non-polymer 'CHLORIDE ION'
4 water water
#
_entity_poly.entity_id   1
_entity_poly.type   'polypeptide(L)'
_entity_poly.pdbx_seq_one_letter_code
;IIDGAPCARGSHPWQVALLSGNQLHCGGVLVNERWVLTAAHCKMNEYTVHLGSDTLGDRRAQRIKASKSFRHPGYSTQTH
VNDLMLVKLNSQARLSSMVKKVRLPSRCEPPGTTCTVSGWGTTTSPDVTFPSDLMCVDVKLISPQDCTKVYKDLLENSML
CAGIPDSKKNACNGDSGGPLVCRGTLQGLVSWGTFPCGQPNDPGVYTQVCKFTKWINDTMKKHR
;
_entity_poly.pdbx_strand_id   A
#
# COMPACT_ATOMS: atom_id res chain seq x y z
N ILE A 1 -2.56 9.73 4.39
CA ILE A 1 -3.72 10.05 3.48
C ILE A 1 -4.13 11.54 3.68
N ILE A 2 -4.05 12.33 2.62
CA ILE A 2 -4.35 13.77 2.67
C ILE A 2 -5.78 13.95 2.19
N ASP A 3 -6.51 14.86 2.83
CA ASP A 3 -7.91 15.18 2.49
C ASP A 3 -8.81 13.94 2.33
N GLY A 4 -8.71 13.03 3.29
CA GLY A 4 -9.50 11.80 3.25
C GLY A 4 -10.50 11.79 4.37
N ALA A 5 -10.81 10.60 4.86
CA ALA A 5 -11.76 10.44 5.96
C ALA A 5 -11.56 9.10 6.61
N PRO A 6 -12.03 8.96 7.83
CA PRO A 6 -11.88 7.67 8.43
C PRO A 6 -12.54 6.59 7.61
N CYS A 7 -11.82 5.51 7.42
CA CYS A 7 -12.37 4.32 6.81
C CYS A 7 -13.56 3.82 7.61
N ALA A 8 -14.59 3.40 6.91
CA ALA A 8 -15.70 2.77 7.55
C ALA A 8 -15.13 1.55 8.25
N ARG A 9 -15.68 1.32 9.44
CA ARG A 9 -15.15 0.33 10.35
C ARG A 9 -15.29 -1.07 9.78
N GLY A 10 -14.23 -1.88 9.91
CA GLY A 10 -14.27 -3.28 9.50
C GLY A 10 -14.27 -3.51 8.01
N SER A 11 -14.11 -2.48 7.21
CA SER A 11 -14.13 -2.67 5.75
C SER A 11 -12.72 -2.73 5.10
N HIS A 12 -11.64 -2.70 5.89
CA HIS A 12 -10.29 -2.91 5.35
C HIS A 12 -9.64 -3.96 6.17
N PRO A 13 -10.23 -5.17 6.19
CA PRO A 13 -9.71 -6.31 6.94
C PRO A 13 -8.42 -6.94 6.40
N TRP A 14 -8.03 -6.55 5.18
CA TRP A 14 -6.75 -6.96 4.50
C TRP A 14 -5.62 -5.98 4.69
N GLN A 15 -5.94 -4.78 5.19
CA GLN A 15 -4.92 -3.78 5.56
C GLN A 15 -4.13 -4.23 6.79
N VAL A 16 -2.81 -4.07 6.70
CA VAL A 16 -1.96 -4.15 7.83
C VAL A 16 -1.11 -2.89 7.85
N ALA A 17 -0.43 -2.70 8.99
CA ALA A 17 0.70 -1.79 9.13
C ALA A 17 1.93 -2.59 9.54
N LEU A 18 3.06 -2.24 8.92
CA LEU A 18 4.39 -2.66 9.39
C LEU A 18 4.97 -1.66 10.39
N LEU A 19 5.24 -2.12 11.62
CA LEU A 19 5.74 -1.25 12.66
C LEU A 19 7.18 -1.55 13.08
N SER A 20 7.88 -0.47 13.48
CA SER A 20 9.17 -0.55 14.14
C SER A 20 9.02 -0.15 15.59
N GLY A 21 8.92 -1.16 16.47
CA GLY A 21 8.51 -0.94 17.83
C GLY A 21 7.01 -0.71 17.78
N ASN A 22 6.55 0.34 18.48
CA ASN A 22 5.16 0.78 18.41
C ASN A 22 5.08 1.95 17.44
N GLN A 23 6.04 2.10 16.54
CA GLN A 23 6.01 3.22 15.62
C GLN A 23 5.76 2.74 14.20
N LEU A 24 4.89 3.46 13.49
CA LEU A 24 4.46 3.13 12.12
C LEU A 24 5.60 3.38 11.21
N HIS A 25 5.86 2.42 10.33
CA HIS A 25 6.94 2.48 9.32
C HIS A 25 6.35 2.45 7.90
N CYS A 26 5.56 1.42 7.60
CA CYS A 26 4.80 1.25 6.34
C CYS A 26 3.41 0.63 6.52
N GLY A 27 2.58 0.80 5.50
CA GLY A 27 1.37 0.01 5.30
C GLY A 27 1.72 -1.25 4.50
N GLY A 28 0.73 -2.11 4.33
CA GLY A 28 0.87 -3.38 3.61
C GLY A 28 -0.49 -4.05 3.51
N VAL A 29 -0.56 -5.18 2.79
CA VAL A 29 -1.79 -5.91 2.64
C VAL A 29 -1.53 -7.38 2.87
N LEU A 30 -2.51 -8.03 3.49
CA LEU A 30 -2.48 -9.45 3.74
C LEU A 30 -2.88 -10.22 2.50
N VAL A 31 -1.95 -11.02 1.99
CA VAL A 31 -2.22 -11.89 0.85
C VAL A 31 -2.76 -13.21 1.36
N ASN A 32 -2.09 -13.79 2.35
CA ASN A 32 -2.62 -14.95 3.03
C ASN A 32 -2.15 -15.04 4.48
N GLU A 33 -2.56 -16.11 5.15
CA GLU A 33 -2.22 -16.32 6.56
C GLU A 33 -0.73 -16.15 6.81
N ARG A 34 0.12 -16.47 5.82
CA ARG A 34 1.57 -16.37 5.97
C ARG A 34 2.23 -15.10 5.44
N TRP A 35 1.61 -14.43 4.47
CA TRP A 35 2.31 -13.37 3.76
C TRP A 35 1.64 -12.03 3.70
N VAL A 36 2.47 -11.01 3.87
CA VAL A 36 2.08 -9.63 3.65
C VAL A 36 2.78 -9.09 2.42
N LEU A 37 2.03 -8.43 1.54
CA LEU A 37 2.62 -7.67 0.44
C LEU A 37 2.72 -6.18 0.82
N THR A 38 3.86 -5.57 0.47
CA THR A 38 4.10 -4.14 0.76
C THR A 38 5.17 -3.65 -0.20
N ALA A 39 5.53 -2.38 -0.16
CA ALA A 39 6.57 -1.86 -1.06
C ALA A 39 7.99 -2.30 -0.61
N ALA A 40 8.86 -2.54 -1.59
CA ALA A 40 10.27 -2.82 -1.38
C ALA A 40 11.02 -1.75 -0.59
N HIS A 41 10.69 -0.48 -0.80
CA HIS A 41 11.37 0.58 -0.07
C HIS A 41 11.12 0.58 1.46
N CYS A 42 10.20 -0.29 1.92
CA CYS A 42 9.94 -0.55 3.33
C CYS A 42 10.82 -1.63 3.97
N LYS A 43 11.79 -2.12 3.23
CA LYS A 43 12.52 -3.25 3.72
C LYS A 43 13.23 -2.92 5.01
N MET A 44 13.10 -3.81 5.97
CA MET A 44 13.79 -3.72 7.25
C MET A 44 14.30 -5.10 7.58
N ASN A 45 15.13 -5.17 8.62
CA ASN A 45 15.63 -6.44 9.06
C ASN A 45 14.55 -7.28 9.77
N GLU A 46 13.60 -6.60 10.44
CA GLU A 46 12.55 -7.19 11.29
C GLU A 46 11.36 -6.30 11.24
N TYR A 47 10.18 -6.87 11.32
CA TYR A 47 8.96 -6.08 11.33
C TYR A 47 8.01 -6.56 12.43
N THR A 48 7.27 -5.64 13.01
CA THR A 48 6.12 -6.04 13.79
C THR A 48 4.91 -5.66 12.99
N VAL A 49 4.07 -6.66 12.73
CA VAL A 49 2.92 -6.50 11.90
C VAL A 49 1.63 -6.40 12.71
N HIS A 50 0.85 -5.37 12.39
CA HIS A 50 -0.45 -5.09 13.01
C HIS A 50 -1.49 -5.52 12.01
N LEU A 51 -2.41 -6.35 12.47
CA LEU A 51 -3.60 -6.74 11.72
C LEU A 51 -4.85 -6.70 12.58
N GLY A 52 -5.97 -6.69 11.88
CA GLY A 52 -7.28 -6.82 12.47
C GLY A 52 -7.82 -5.67 13.29
N SER A 53 -7.38 -4.43 13.02
CA SER A 53 -8.08 -3.29 13.60
C SER A 53 -7.78 -2.01 12.84
N ASP A 54 -8.83 -1.22 12.63
CA ASP A 54 -8.69 0.09 12.02
C ASP A 54 -7.91 1.04 12.94
N THR A 55 -7.81 0.72 14.25
CA THR A 55 -7.09 1.57 15.19
C THR A 55 -5.75 0.97 15.62
N LEU A 56 -4.71 1.77 15.39
CA LEU A 56 -3.35 1.39 15.79
C LEU A 56 -3.30 1.32 17.27
N GLY A 57 -2.68 0.27 17.79
CA GLY A 57 -2.57 0.08 19.23
C GLY A 57 -3.76 -0.58 19.92
N ASP A 58 -4.83 -0.82 19.17
CA ASP A 58 -6.01 -1.56 19.65
C ASP A 58 -5.66 -2.87 20.39
N ARG A 59 -6.27 -3.07 21.54
CA ARG A 59 -6.21 -4.35 22.31
C ARG A 59 -6.54 -5.56 21.45
N ARG A 60 -7.51 -5.39 20.56
CA ARG A 60 -8.03 -6.46 19.75
C ARG A 60 -7.18 -6.77 18.53
N ALA A 61 -6.30 -5.86 18.13
CA ALA A 61 -5.38 -6.15 17.04
C ALA A 61 -4.42 -7.31 17.34
N GLN A 62 -3.99 -7.98 16.28
CA GLN A 62 -2.95 -9.00 16.34
C GLN A 62 -1.63 -8.35 16.01
N ARG A 63 -0.60 -8.74 16.72
CA ARG A 63 0.75 -8.29 16.46
C ARG A 63 1.54 -9.56 16.19
N ILE A 64 2.11 -9.69 14.99
CA ILE A 64 2.93 -10.83 14.63
C ILE A 64 4.26 -10.29 14.09
N LYS A 65 5.34 -10.88 14.55
CA LYS A 65 6.68 -10.53 14.11
C LYS A 65 6.92 -11.19 12.79
N ALA A 66 7.66 -10.50 11.96
CA ALA A 66 8.05 -11.03 10.67
C ALA A 66 9.57 -10.77 10.61
N SER A 67 10.32 -11.86 10.58
CA SER A 67 11.78 -11.75 10.56
C SER A 67 12.38 -11.89 9.18
N LYS A 68 11.62 -12.31 8.19
CA LYS A 68 12.13 -12.48 6.84
C LYS A 68 11.27 -11.75 5.82
N SER A 69 11.91 -11.10 4.84
CA SER A 69 11.18 -10.43 3.77
C SER A 69 11.90 -10.56 2.45
N PHE A 70 11.14 -10.53 1.34
CA PHE A 70 11.66 -10.82 -0.01
C PHE A 70 11.31 -9.77 -1.03
N ARG A 71 12.24 -8.90 -1.38
CA ARG A 71 12.01 -7.87 -2.41
C ARG A 71 12.03 -8.42 -3.81
N HIS A 72 11.21 -7.84 -4.66
CA HIS A 72 11.25 -8.17 -6.04
C HIS A 72 12.70 -7.99 -6.51
N PRO A 73 13.26 -9.02 -7.17
CA PRO A 73 14.66 -8.99 -7.59
C PRO A 73 15.02 -7.84 -8.54
N GLY A 74 14.05 -7.31 -9.28
CA GLY A 74 14.24 -6.17 -10.14
C GLY A 74 14.02 -4.83 -9.49
N TYR A 75 13.92 -4.79 -8.16
CA TYR A 75 13.78 -3.50 -7.45
C TYR A 75 15.05 -2.64 -7.59
N SER A 76 14.87 -1.37 -7.93
CA SER A 76 15.95 -0.41 -8.06
C SER A 76 15.82 0.53 -6.90
N THR A 77 16.88 0.69 -6.11
CA THR A 77 16.95 1.75 -5.09
C THR A 77 17.01 3.14 -5.74
N GLN A 78 17.62 3.25 -6.94
CA GLN A 78 17.86 4.56 -7.53
C GLN A 78 16.55 5.11 -8.11
N THR A 79 15.82 4.28 -8.87
CA THR A 79 14.61 4.71 -9.56
C THR A 79 13.30 4.16 -9.00
N HIS A 80 13.35 3.26 -8.04
CA HIS A 80 12.10 2.68 -7.46
C HIS A 80 11.16 1.91 -8.38
N VAL A 81 11.64 1.56 -9.56
CA VAL A 81 11.00 0.56 -10.37
C VAL A 81 10.89 -0.80 -9.62
N ASN A 82 9.81 -1.53 -9.85
CA ASN A 82 9.53 -2.79 -9.14
C ASN A 82 9.45 -2.70 -7.60
N ASP A 83 8.73 -1.69 -7.12
CA ASP A 83 8.68 -1.38 -5.71
C ASP A 83 7.65 -2.23 -5.01
N LEU A 84 8.04 -3.49 -4.75
CA LEU A 84 7.24 -4.42 -3.97
C LEU A 84 8.07 -5.52 -3.35
N MET A 85 7.53 -6.09 -2.28
CA MET A 85 8.25 -6.99 -1.43
C MET A 85 7.25 -7.83 -0.68
N LEU A 86 7.56 -9.12 -0.53
CA LEU A 86 6.77 -10.04 0.30
C LEU A 86 7.42 -10.17 1.65
N VAL A 87 6.59 -10.18 2.69
CA VAL A 87 7.01 -10.21 4.06
C VAL A 87 6.43 -11.47 4.63
N LYS A 88 7.31 -12.33 5.11
CA LYS A 88 6.90 -13.57 5.74
C LYS A 88 6.64 -13.40 7.25
N LEU A 89 5.41 -13.66 7.65
CA LEU A 89 5.04 -13.70 9.06
C LEU A 89 5.67 -14.92 9.76
N ASN A 90 6.14 -14.69 10.99
CA ASN A 90 6.80 -15.73 11.77
C ASN A 90 5.76 -16.71 12.23
N SER A 91 4.52 -16.27 12.38
CA SER A 91 3.41 -17.22 12.51
C SER A 91 2.16 -16.79 11.77
N GLN A 92 1.29 -17.75 11.55
CA GLN A 92 0.14 -17.52 10.70
C GLN A 92 -0.87 -16.57 11.36
N ALA A 93 -1.30 -15.56 10.62
CA ALA A 93 -2.40 -14.71 11.05
C ALA A 93 -3.61 -15.59 11.35
N ARG A 94 -4.36 -15.24 12.39
CA ARG A 94 -5.69 -15.80 12.62
C ARG A 94 -6.63 -15.00 11.74
N LEU A 95 -7.24 -15.66 10.76
CA LEU A 95 -8.27 -15.04 9.95
C LEU A 95 -9.54 -14.91 10.74
N SER A 96 -10.30 -13.89 10.38
CA SER A 96 -11.49 -13.53 11.08
C SER A 96 -12.24 -12.48 10.26
N SER A 97 -13.26 -11.91 10.89
CA SER A 97 -14.07 -10.85 10.29
C SER A 97 -13.22 -9.60 10.01
N MET A 98 -12.30 -9.34 10.92
CA MET A 98 -11.37 -8.20 10.85
C MET A 98 -10.03 -8.54 10.19
N VAL A 99 -9.84 -9.80 9.84
CA VAL A 99 -8.65 -10.27 9.19
C VAL A 99 -9.02 -11.19 8.03
N LYS A 100 -8.99 -10.63 6.84
CA LYS A 100 -9.15 -11.34 5.59
C LYS A 100 -7.95 -11.15 4.67
N LYS A 101 -7.71 -12.15 3.84
CA LYS A 101 -6.89 -11.96 2.65
C LYS A 101 -7.45 -10.89 1.71
N VAL A 102 -6.58 -10.12 1.09
CA VAL A 102 -6.98 -9.28 -0.02
C VAL A 102 -7.30 -10.14 -1.26
N ARG A 103 -8.20 -9.61 -2.10
CA ARG A 103 -8.41 -10.13 -3.43
C ARG A 103 -7.33 -9.62 -4.37
N LEU A 104 -6.42 -10.51 -4.76
CA LEU A 104 -5.40 -10.16 -5.75
C LEU A 104 -6.13 -9.95 -7.06
N PRO A 105 -5.59 -9.10 -7.93
CA PRO A 105 -6.31 -8.83 -9.18
C PRO A 105 -6.16 -9.97 -10.19
N SER A 106 -7.12 -10.05 -11.09
CA SER A 106 -6.97 -10.92 -12.26
C SER A 106 -6.96 -10.08 -13.52
N ARG A 107 -6.95 -8.76 -13.35
CA ARG A 107 -7.08 -7.82 -14.42
C ARG A 107 -6.50 -6.51 -13.99
N CYS A 108 -6.03 -5.74 -14.97
CA CYS A 108 -5.63 -4.37 -14.77
C CYS A 108 -6.87 -3.57 -14.98
N GLU A 109 -7.27 -2.79 -13.99
CA GLU A 109 -8.43 -1.89 -14.15
C GLU A 109 -8.00 -0.69 -14.98
N PRO A 110 -8.89 -0.14 -15.85
CA PRO A 110 -8.42 0.86 -16.79
C PRO A 110 -8.40 2.25 -16.19
N PRO A 111 -7.81 3.22 -16.91
CA PRO A 111 -7.86 4.60 -16.46
C PRO A 111 -9.30 5.02 -16.33
N GLY A 112 -9.56 5.97 -15.42
CA GLY A 112 -10.92 6.42 -15.09
C GLY A 112 -11.53 5.67 -13.89
N THR A 113 -10.94 4.55 -13.48
CA THR A 113 -11.59 3.70 -12.49
C THR A 113 -11.50 4.34 -11.14
N THR A 114 -12.53 4.14 -10.35
CA THR A 114 -12.61 4.71 -9.03
C THR A 114 -12.01 3.73 -8.01
N CYS A 115 -11.12 4.25 -7.15
CA CYS A 115 -10.35 3.41 -6.22
C CYS A 115 -10.31 4.03 -4.85
N THR A 116 -9.95 3.23 -3.87
CA THR A 116 -9.73 3.70 -2.51
C THR A 116 -8.35 3.27 -2.08
N VAL A 117 -7.59 4.22 -1.52
CA VAL A 117 -6.30 3.96 -0.91
C VAL A 117 -6.45 4.29 0.56
N SER A 118 -5.82 3.46 1.39
CA SER A 118 -6.00 3.46 2.83
C SER A 118 -4.65 3.51 3.56
N GLY A 119 -4.64 4.10 4.74
CA GLY A 119 -3.39 4.18 5.49
C GLY A 119 -3.49 4.99 6.76
N TRP A 120 -2.52 4.73 7.64
CA TRP A 120 -2.34 5.47 8.89
C TRP A 120 -1.26 6.56 8.82
N GLY A 121 -0.91 6.96 7.58
CA GLY A 121 0.11 7.95 7.31
C GLY A 121 -0.31 9.35 7.69
N THR A 122 0.59 10.31 7.46
CA THR A 122 0.32 11.65 7.88
C THR A 122 -0.87 12.21 7.11
N THR A 123 -1.64 12.97 7.85
CA THR A 123 -2.79 13.65 7.38
C THR A 123 -2.44 15.08 6.95
N THR A 124 -1.21 15.53 7.22
CA THR A 124 -0.71 16.81 6.73
C THR A 124 0.71 16.71 6.19
N SER A 125 1.11 17.73 5.42
CA SER A 125 2.46 17.82 4.83
C SER A 125 2.78 19.27 4.36
N PRO A 126 4.00 19.77 4.56
CA PRO A 126 5.14 19.12 5.28
C PRO A 126 5.03 18.88 6.82
N ASP A 127 4.23 19.68 7.52
CA ASP A 127 4.09 19.50 8.96
C ASP A 127 3.30 18.22 9.13
N VAL A 128 3.83 17.25 9.88
CA VAL A 128 3.23 15.89 9.95
C VAL A 128 2.15 15.78 11.06
N THR A 129 1.07 15.03 10.79
CA THR A 129 0.04 14.72 11.79
C THR A 129 -0.41 13.26 11.65
N PHE A 130 -0.12 12.42 12.65
CA PHE A 130 -0.43 10.99 12.55
C PHE A 130 -1.74 10.59 13.25
N PRO A 131 -2.65 9.89 12.53
CA PRO A 131 -3.89 9.33 13.05
C PRO A 131 -3.76 7.89 13.60
N SER A 132 -4.37 7.65 14.75
CA SER A 132 -4.60 6.30 15.17
C SER A 132 -5.58 5.53 14.25
N ASP A 133 -6.55 6.25 13.71
CA ASP A 133 -7.62 5.66 12.92
C ASP A 133 -7.23 5.58 11.45
N LEU A 134 -7.54 4.45 10.85
CA LEU A 134 -7.21 4.18 9.47
C LEU A 134 -8.01 5.12 8.57
N MET A 135 -7.28 5.89 7.78
CA MET A 135 -7.90 6.84 6.88
C MET A 135 -8.01 6.24 5.46
N CYS A 136 -9.04 6.66 4.74
CA CYS A 136 -9.30 6.21 3.37
C CYS A 136 -9.60 7.42 2.48
N VAL A 137 -9.28 7.29 1.18
CA VAL A 137 -9.58 8.35 0.20
C VAL A 137 -9.75 7.79 -1.23
N ASP A 138 -10.74 8.30 -1.93
CA ASP A 138 -11.03 7.83 -3.28
C ASP A 138 -10.32 8.69 -4.29
N VAL A 139 -9.66 7.98 -5.20
CA VAL A 139 -8.97 8.54 -6.35
C VAL A 139 -9.32 7.75 -7.61
N LYS A 140 -9.11 8.36 -8.77
CA LYS A 140 -9.25 7.64 -10.03
C LYS A 140 -7.91 7.34 -10.65
N LEU A 141 -7.84 6.16 -11.27
CA LEU A 141 -6.70 5.75 -12.08
C LEU A 141 -6.52 6.76 -13.20
N ILE A 142 -5.27 7.06 -13.48
CA ILE A 142 -4.87 8.07 -14.44
C ILE A 142 -3.98 7.38 -15.46
N SER A 143 -4.21 7.63 -16.75
CA SER A 143 -3.56 6.91 -17.81
C SER A 143 -2.04 7.19 -17.82
N PRO A 144 -1.23 6.21 -18.23
CA PRO A 144 0.20 6.46 -18.43
C PRO A 144 0.48 7.74 -19.25
N GLN A 145 -0.29 7.98 -20.31
CA GLN A 145 -0.09 9.12 -21.24
C GLN A 145 -0.31 10.42 -20.47
N ASP A 146 -1.37 10.46 -19.67
CA ASP A 146 -1.62 11.64 -18.83
C ASP A 146 -0.60 11.76 -17.74
N CYS A 147 -0.25 10.66 -17.08
CA CYS A 147 0.66 10.76 -15.92
C CYS A 147 2.14 11.12 -16.31
N THR A 148 2.48 10.73 -17.54
CA THR A 148 3.83 10.95 -18.12
C THR A 148 4.02 12.40 -18.47
N LYS A 149 2.94 13.13 -18.74
CA LYS A 149 3.00 14.59 -18.87
C LYS A 149 3.59 15.25 -17.62
N VAL A 150 3.17 14.76 -16.47
CA VAL A 150 3.67 15.26 -15.23
C VAL A 150 5.06 14.71 -14.90
N TYR A 151 5.30 13.40 -15.05
CA TYR A 151 6.53 12.84 -14.50
C TYR A 151 7.60 12.37 -15.49
N LYS A 152 7.21 12.19 -16.76
CA LYS A 152 8.20 11.94 -17.84
C LYS A 152 8.98 10.65 -17.64
N ASP A 153 10.31 10.71 -17.55
CA ASP A 153 11.19 9.55 -17.62
C ASP A 153 11.15 8.65 -16.38
N LEU A 154 10.77 9.25 -15.26
CA LEU A 154 10.60 8.56 -13.96
C LEU A 154 9.65 7.34 -14.01
N LEU A 155 8.66 7.37 -14.91
CA LEU A 155 7.63 6.32 -14.95
C LEU A 155 8.00 5.06 -15.68
N GLU A 156 7.60 3.92 -15.14
CA GLU A 156 7.61 2.63 -15.86
C GLU A 156 6.21 2.24 -16.17
N ASN A 157 6.08 1.31 -17.12
CA ASN A 157 4.80 0.76 -17.50
C ASN A 157 4.23 -0.15 -16.42
N SER A 158 5.05 -0.62 -15.48
CA SER A 158 4.55 -1.31 -14.26
C SER A 158 4.23 -0.37 -13.04
N MET A 159 4.31 0.94 -13.22
CA MET A 159 3.86 1.87 -12.20
C MET A 159 2.49 2.29 -12.66
N LEU A 160 1.57 2.56 -11.74
CA LEU A 160 0.24 2.98 -12.04
C LEU A 160 0.05 4.26 -11.31
N CYS A 161 -0.57 5.23 -12.01
CA CYS A 161 -0.88 6.56 -11.48
C CYS A 161 -2.35 6.79 -11.10
N ALA A 162 -2.57 7.54 -10.00
CA ALA A 162 -3.93 7.89 -9.55
C ALA A 162 -4.00 9.15 -8.75
N GLY A 163 -5.07 9.88 -8.99
CA GLY A 163 -5.41 11.05 -8.21
C GLY A 163 -6.79 11.56 -8.58
N ILE A 164 -7.07 12.79 -8.15
CA ILE A 164 -8.24 13.54 -8.57
C ILE A 164 -7.74 14.91 -9.09
N PRO A 165 -8.21 15.36 -10.29
CA PRO A 165 -7.73 16.67 -10.81
C PRO A 165 -8.05 17.84 -9.87
N ASP A 166 -7.11 18.78 -9.73
CA ASP A 166 -7.20 19.91 -8.80
C ASP A 166 -7.54 19.49 -7.37
N SER A 167 -6.89 18.45 -6.89
CA SER A 167 -7.26 17.86 -5.60
C SER A 167 -6.03 17.44 -4.82
N LYS A 168 -6.02 17.76 -3.54
CA LYS A 168 -4.96 17.37 -2.63
C LYS A 168 -5.04 15.90 -2.25
N LYS A 169 -6.09 15.21 -2.68
CA LYS A 169 -6.36 13.85 -2.19
C LYS A 169 -5.27 12.91 -2.67
N ASN A 170 -4.59 12.32 -1.68
CA ASN A 170 -3.39 11.61 -1.99
C ASN A 170 -2.90 10.80 -0.78
N ALA A 171 -1.77 10.13 -0.94
CA ALA A 171 -1.11 9.44 0.16
C ALA A 171 0.07 10.24 0.58
N CYS A 172 0.67 9.78 1.68
CA CYS A 172 1.75 10.51 2.30
C CYS A 172 2.55 9.62 3.23
N ASN A 173 3.55 10.23 3.85
CA ASN A 173 4.50 9.46 4.63
C ASN A 173 3.76 8.64 5.71
N GLY A 174 3.97 7.34 5.67
CA GLY A 174 3.35 6.38 6.55
C GLY A 174 2.44 5.48 5.75
N ASP A 175 1.86 6.01 4.66
CA ASP A 175 1.00 5.22 3.73
C ASP A 175 1.70 4.25 2.78
N SER A 176 3.02 4.43 2.67
CA SER A 176 3.92 3.63 1.82
C SER A 176 3.67 2.09 2.00
N GLY A 177 3.57 1.42 0.86
CA GLY A 177 3.28 -0.01 0.79
C GLY A 177 1.84 -0.45 0.94
N GLY A 178 0.93 0.48 1.12
CA GLY A 178 -0.45 0.20 1.47
C GLY A 178 -1.38 0.09 0.28
N PRO A 179 -2.61 -0.37 0.52
CA PRO A 179 -3.45 -0.85 -0.58
C PRO A 179 -4.10 0.25 -1.33
N LEU A 180 -4.04 0.19 -2.66
CA LEU A 180 -5.00 0.85 -3.55
C LEU A 180 -5.87 -0.25 -4.16
N VAL A 181 -7.14 -0.25 -3.79
CA VAL A 181 -8.06 -1.27 -4.28
C VAL A 181 -9.17 -0.60 -5.11
N CYS A 182 -9.55 -1.28 -6.19
CA CYS A 182 -10.45 -0.77 -7.19
C CYS A 182 -11.31 -1.96 -7.59
N ARG A 183 -12.63 -1.82 -7.48
CA ARG A 183 -13.62 -2.85 -7.86
C ARG A 183 -13.31 -4.20 -7.24
N GLY A 184 -13.03 -4.18 -5.94
CA GLY A 184 -12.85 -5.38 -5.20
C GLY A 184 -11.46 -5.97 -5.19
N THR A 185 -10.54 -5.47 -6.03
CA THR A 185 -9.23 -6.12 -6.17
C THR A 185 -8.12 -5.14 -5.86
N LEU A 186 -6.98 -5.71 -5.53
CA LEU A 186 -5.78 -4.95 -5.24
C LEU A 186 -5.09 -4.54 -6.54
N GLN A 187 -5.15 -3.24 -6.81
CA GLN A 187 -4.61 -2.66 -8.05
C GLN A 187 -3.33 -1.93 -7.83
N GLY A 188 -3.06 -1.41 -6.63
CA GLY A 188 -1.77 -0.73 -6.41
C GLY A 188 -1.21 -0.83 -5.03
N LEU A 189 0.11 -0.66 -4.93
CA LEU A 189 0.78 -0.47 -3.63
C LEU A 189 1.38 0.90 -3.63
N VAL A 190 1.13 1.66 -2.58
CA VAL A 190 1.61 3.03 -2.54
C VAL A 190 3.13 3.09 -2.66
N SER A 191 3.64 3.83 -3.64
CA SER A 191 5.07 3.86 -3.92
C SER A 191 5.71 5.21 -3.71
N TRP A 192 5.36 6.20 -4.57
CA TRP A 192 5.94 7.53 -4.49
C TRP A 192 5.06 8.65 -5.07
N GLY A 193 5.48 9.89 -4.87
CA GLY A 193 4.89 11.04 -5.54
C GLY A 193 5.72 12.27 -5.31
N THR A 194 5.11 13.43 -5.14
CA THR A 194 5.89 14.64 -4.88
C THR A 194 5.76 15.11 -3.42
N PHE A 195 6.77 15.89 -2.98
CA PHE A 195 6.81 16.50 -1.65
C PHE A 195 6.74 18.03 -1.72
N PRO A 196 5.92 18.69 -0.90
CA PRO A 196 5.00 18.03 0.05
C PRO A 196 3.85 17.27 -0.60
N CYS A 197 3.22 16.42 0.20
CA CYS A 197 2.15 15.58 -0.29
C CYS A 197 0.97 16.44 -0.61
N GLY A 198 0.15 15.90 -1.51
CA GLY A 198 -1.13 16.47 -1.83
C GLY A 198 -1.07 17.73 -2.67
N GLN A 199 -0.06 17.87 -3.51
CA GLN A 199 -0.01 19.04 -4.37
C GLN A 199 -0.96 18.73 -5.47
N PRO A 200 -1.93 19.62 -5.73
CA PRO A 200 -2.86 19.35 -6.78
C PRO A 200 -2.20 19.07 -8.13
N ASN A 201 -2.80 18.12 -8.84
CA ASN A 201 -2.33 17.66 -10.11
C ASN A 201 -0.96 16.93 -10.16
N ASP A 202 -0.36 16.57 -9.01
CA ASP A 202 0.78 15.61 -8.96
C ASP A 202 0.17 14.26 -8.50
N PRO A 203 0.02 13.31 -9.42
CA PRO A 203 -0.62 12.07 -8.99
C PRO A 203 0.29 11.26 -8.09
N GLY A 204 -0.30 10.56 -7.13
CA GLY A 204 0.42 9.50 -6.40
C GLY A 204 0.80 8.35 -7.34
N VAL A 205 1.95 7.74 -7.12
CA VAL A 205 2.38 6.64 -7.99
C VAL A 205 2.35 5.28 -7.24
N TYR A 206 1.95 4.20 -7.93
CA TYR A 206 1.70 2.91 -7.28
C TYR A 206 2.37 1.79 -8.01
N THR A 207 2.87 0.80 -7.27
CA THR A 207 3.28 -0.43 -7.93
C THR A 207 2.01 -1.08 -8.57
N GLN A 208 2.01 -1.28 -9.89
CA GLN A 208 0.81 -1.81 -10.53
C GLN A 208 0.72 -3.33 -10.35
N VAL A 209 -0.09 -3.76 -9.38
CA VAL A 209 -0.04 -5.13 -8.90
C VAL A 209 -0.37 -6.14 -9.98
N CYS A 210 -1.24 -5.78 -10.92
CA CYS A 210 -1.65 -6.74 -11.95
C CYS A 210 -0.45 -7.19 -12.80
N LYS A 211 0.70 -6.55 -12.69
CA LYS A 211 1.87 -6.93 -13.51
C LYS A 211 2.82 -7.86 -12.75
N PHE A 212 2.51 -8.19 -11.50
CA PHE A 212 3.42 -8.98 -10.67
C PHE A 212 2.77 -10.18 -9.99
N THR A 213 1.60 -10.62 -10.43
CA THR A 213 0.93 -11.76 -9.79
C THR A 213 1.75 -13.07 -9.90
N LYS A 214 2.34 -13.33 -11.06
CA LYS A 214 3.19 -14.51 -11.19
C LYS A 214 4.29 -14.50 -10.12
N TRP A 215 4.95 -13.35 -9.99
CA TRP A 215 6.04 -13.23 -9.08
C TRP A 215 5.55 -13.50 -7.64
N ILE A 216 4.43 -12.86 -7.29
CA ILE A 216 3.79 -12.96 -5.97
C ILE A 216 3.45 -14.41 -5.67
N ASN A 217 2.81 -15.09 -6.63
CA ASN A 217 2.50 -16.51 -6.43
C ASN A 217 3.73 -17.40 -6.44
N ASP A 218 4.64 -17.25 -7.41
CA ASP A 218 5.83 -18.09 -7.47
C ASP A 218 6.64 -17.96 -6.17
N THR A 219 6.78 -16.72 -5.67
CA THR A 219 7.63 -16.42 -4.53
C THR A 219 7.09 -17.05 -3.24
N MET A 220 5.77 -16.98 -3.04
CA MET A 220 5.15 -17.62 -1.87
C MET A 220 5.29 -19.14 -1.95
N LYS A 221 5.17 -19.64 -3.16
CA LYS A 221 5.25 -21.07 -3.43
C LYS A 221 6.68 -21.50 -3.18
N LYS A 222 7.64 -20.77 -3.73
CA LYS A 222 9.04 -21.08 -3.56
C LYS A 222 9.46 -21.06 -2.09
N HIS A 223 8.93 -20.11 -1.30
CA HIS A 223 9.29 -19.94 0.11
C HIS A 223 8.26 -20.49 1.10
N ARG A 224 7.67 -21.62 0.76
CA ARG A 224 6.65 -22.33 1.58
C ARG A 224 7.10 -22.77 2.97
#